data_3KR3
#
_entry.id   3KR3
#
_cell.length_a   50.667
_cell.length_b   106.921
_cell.length_c   110.657
_cell.angle_alpha   90.000
_cell.angle_beta   90.000
_cell.angle_gamma   90.000
#
_symmetry.space_group_name_H-M   'P 21 21 21'
#
loop_
_entity.id
_entity.type
_entity.pdbx_description
1 polymer 'Insulin-like growth factor II'
2 polymer 'antibody-Fab (heavy chain)'
3 polymer 'antibody-Fab (light chain)'
4 non-polymer 1,2-ETHANEDIOL
5 water water
#
loop_
_entity_poly.entity_id
_entity_poly.type
_entity_poly.pdbx_seq_one_letter_code
_entity_poly.pdbx_strand_id
1 'polypeptide(L)' AYRPSETLCGGELVDTLQFVCGDRGFYFSRPASRVSRRSRGIVEECCFRSCDLALLETYCATPAKSE D
2 'polypeptide(L)'
;EVQLLESGGGLVQPGGSLRLSCAASGFTFSNYIMWWVRQAPGKGLEWVSVISSSGGMTRYADSVKGRFTISRDNSKNTLY
LQMNSLRAEDTAVYYCARDNGDYVGEKGFDIWGQGTMVTVSSASTKGPSVFPLAPSSKSTSGGTAALGCLVKDYFPEPVT
VSWNSGALTSGVHTFPAVLQSSGLYSLSSVVTVPSSSLGTQTYICNVNHKPSNTKVDKKVEPKSCAAAHHHHHHGAAEQK
LISEEDLNGAA
;
H
3 'polypeptide(L)'
;QDIQMTQSPSSLSASVGDRVTITCRASQSISNYLNWYQQKPGKAPKLLIYTASTLQSGVPSRFSGSASGTDFTLTINSLQ
PEDFATYSCQQSYNSPWTFGQGTKVEIKRTVAAPSVFIFPPSDEQLKSGTASVVCLLNNFYPREAKVQWKVDNALQSGNS
QESVTQEDSKDSTYSLSSTLTLSKADYEKHKVYACEVTHQGLSSPVTKSFNRGEC
;
L
#
# COMPACT_ATOMS: atom_id res chain seq x y z
N SER A 5 -25.11 -22.86 -1.36
CA SER A 5 -25.86 -21.95 -0.47
C SER A 5 -27.26 -21.64 -1.00
N GLU A 6 -27.79 -20.51 -0.56
CA GLU A 6 -29.11 -20.00 -0.93
C GLU A 6 -29.01 -18.58 -1.56
N THR A 7 -27.77 -18.09 -1.74
CA THR A 7 -27.51 -16.80 -2.38
C THR A 7 -26.55 -16.95 -3.57
N LEU A 8 -26.63 -15.96 -4.47
CA LEU A 8 -25.79 -15.91 -5.64
C LEU A 8 -25.30 -14.48 -5.89
N CYS A 9 -23.99 -14.36 -6.09
CA CYS A 9 -23.29 -13.08 -6.23
C CYS A 9 -22.27 -13.21 -7.36
N GLY A 10 -21.91 -12.07 -7.95
CA GLY A 10 -20.75 -12.00 -8.84
C GLY A 10 -20.96 -12.75 -10.15
N GLY A 11 -19.88 -13.33 -10.69
CA GLY A 11 -19.95 -14.15 -11.89
C GLY A 11 -20.75 -15.44 -11.83
N GLU A 12 -20.85 -16.07 -10.67
CA GLU A 12 -21.71 -17.25 -10.52
C GLU A 12 -23.22 -16.95 -10.72
N LEU A 13 -23.61 -15.78 -10.21
CA LEU A 13 -24.87 -15.11 -10.49
C LEU A 13 -25.10 -14.82 -11.97
N VAL A 14 -24.20 -14.07 -12.58
CA VAL A 14 -24.23 -13.90 -14.05
C VAL A 14 -24.27 -15.21 -14.85
N ASP A 15 -23.41 -16.17 -14.54
CA ASP A 15 -23.44 -17.45 -15.29
C ASP A 15 -24.81 -18.19 -15.10
N THR A 16 -25.37 -18.15 -13.87
CA THR A 16 -26.62 -18.82 -13.51
C THR A 16 -27.76 -18.14 -14.30
N LEU A 17 -27.79 -16.81 -14.31
CA LEU A 17 -28.80 -16.09 -15.07
C LEU A 17 -28.79 -16.37 -16.57
N GLN A 18 -27.62 -16.30 -17.20
CA GLN A 18 -27.42 -16.68 -18.60
C GLN A 18 -27.97 -18.08 -18.93
N PHE A 19 -27.70 -19.04 -18.05
CA PHE A 19 -28.20 -20.35 -18.24
C PHE A 19 -29.72 -20.45 -18.03
N VAL A 20 -30.23 -19.78 -17.00
CA VAL A 20 -31.65 -19.76 -16.68
C VAL A 20 -32.49 -19.12 -17.79
N CYS A 21 -32.00 -18.02 -18.36
CA CYS A 21 -32.77 -17.23 -19.32
C CYS A 21 -32.57 -17.66 -20.78
N GLY A 22 -31.83 -18.74 -20.99
CA GLY A 22 -31.64 -19.34 -22.30
C GLY A 22 -31.49 -18.34 -23.44
N ASP A 23 -32.26 -18.60 -24.52
CA ASP A 23 -32.12 -17.78 -25.73
CA ASP A 23 -32.24 -17.83 -25.76
C ASP A 23 -32.88 -16.45 -25.62
N ARG A 24 -33.81 -16.34 -24.67
CA ARG A 24 -34.53 -15.11 -24.30
C ARG A 24 -33.62 -13.96 -23.86
N GLY A 25 -32.63 -14.28 -23.05
CA GLY A 25 -31.77 -13.23 -22.52
C GLY A 25 -32.34 -12.57 -21.27
N PHE A 26 -31.61 -11.55 -20.81
CA PHE A 26 -31.93 -10.84 -19.62
C PHE A 26 -33.04 -9.87 -20.02
N TYR A 27 -33.95 -9.61 -19.07
CA TYR A 27 -34.96 -8.59 -19.20
C TYR A 27 -34.22 -7.26 -19.26
N PHE A 28 -33.18 -7.19 -18.46
CA PHE A 28 -32.39 -6.02 -18.34
C PHE A 28 -31.26 -6.20 -19.37
N SER A 29 -31.59 -5.78 -20.60
CA SER A 29 -30.99 -6.30 -21.84
C SER A 29 -29.96 -5.38 -22.44
N ARG A 30 -29.79 -4.21 -21.84
CA ARG A 30 -28.86 -3.25 -22.34
C ARG A 30 -27.95 -2.80 -21.23
N PRO A 31 -26.69 -2.37 -21.54
CA PRO A 31 -25.89 -1.82 -20.43
C PRO A 31 -26.64 -0.90 -19.47
N ALA A 32 -27.43 0.04 -20.02
CA ALA A 32 -28.17 1.06 -19.27
C ALA A 32 -29.25 0.45 -18.34
N SER A 33 -29.91 -0.61 -18.80
CA SER A 33 -30.89 -1.32 -17.95
C SER A 33 -30.28 -2.26 -16.88
N ARG A 34 -29.05 -2.74 -17.10
CA ARG A 34 -28.31 -3.51 -16.09
C ARG A 34 -27.78 -2.67 -14.93
N VAL A 35 -27.69 -1.37 -15.17
CA VAL A 35 -27.32 -0.44 -14.14
C VAL A 35 -28.60 0.10 -13.42
N SER A 36 -29.77 -0.42 -13.78
CA SER A 36 -30.99 0.22 -13.30
C SER A 36 -31.29 -0.21 -11.87
N ARG A 37 -32.11 0.57 -11.19
CA ARG A 37 -32.52 0.27 -9.82
C ARG A 37 -33.28 -1.04 -9.74
N ARG A 38 -34.14 -1.27 -10.72
CA ARG A 38 -34.93 -2.48 -10.74
C ARG A 38 -34.07 -3.72 -10.85
N SER A 39 -33.06 -3.68 -11.72
CA SER A 39 -32.09 -4.75 -11.90
C SER A 39 -31.36 -4.97 -10.62
N ARG A 40 -30.79 -3.91 -10.05
CA ARG A 40 -30.05 -4.00 -8.77
C ARG A 40 -30.92 -4.53 -7.64
N GLY A 41 -32.21 -4.17 -7.67
CA GLY A 41 -33.17 -4.63 -6.66
C GLY A 41 -33.19 -6.14 -6.60
N ILE A 42 -33.32 -6.79 -7.76
CA ILE A 42 -33.28 -8.26 -7.88
C ILE A 42 -31.92 -8.91 -7.52
N VAL A 43 -30.85 -8.30 -8.03
CA VAL A 43 -29.47 -8.71 -7.77
C VAL A 43 -29.08 -8.58 -6.29
N GLU A 44 -29.43 -7.46 -5.67
CA GLU A 44 -29.09 -7.29 -4.25
C GLU A 44 -29.80 -8.31 -3.36
N GLU A 45 -31.05 -8.61 -3.65
CA GLU A 45 -31.78 -9.68 -2.95
C GLU A 45 -31.15 -11.08 -3.13
N CYS A 46 -30.86 -11.48 -4.37
CA CYS A 46 -30.17 -12.76 -4.60
C CYS A 46 -28.86 -12.90 -3.89
N CYS A 47 -28.10 -11.83 -3.92
CA CYS A 47 -26.75 -11.88 -3.38
C CYS A 47 -26.72 -11.74 -1.86
N PHE A 48 -27.41 -10.73 -1.35
CA PHE A 48 -27.36 -10.43 0.08
C PHE A 48 -28.33 -11.30 0.87
N ARG A 49 -29.43 -11.76 0.25
CA ARG A 49 -30.50 -12.46 1.02
C ARG A 49 -30.86 -13.89 0.69
N SER A 50 -31.47 -14.11 -0.45
CA SER A 50 -31.86 -15.45 -0.83
C SER A 50 -32.23 -15.37 -2.27
N CYS A 51 -31.90 -16.41 -3.02
CA CYS A 51 -32.12 -16.36 -4.44
C CYS A 51 -32.75 -17.70 -4.80
N ASP A 52 -33.82 -17.66 -5.57
CA ASP A 52 -34.42 -18.92 -5.95
C ASP A 52 -34.73 -18.87 -7.43
N LEU A 53 -35.13 -20.01 -7.99
CA LEU A 53 -35.33 -20.02 -9.43
C LEU A 53 -36.39 -19.01 -9.85
N ALA A 54 -37.41 -18.81 -9.00
CA ALA A 54 -38.50 -17.89 -9.30
C ALA A 54 -37.99 -16.46 -9.40
N LEU A 55 -37.20 -16.04 -8.39
CA LEU A 55 -36.52 -14.75 -8.43
C LEU A 55 -35.62 -14.62 -9.66
N LEU A 56 -34.79 -15.62 -9.88
CA LEU A 56 -33.98 -15.63 -11.07
C LEU A 56 -34.78 -15.45 -12.37
N GLU A 57 -35.87 -16.20 -12.51
CA GLU A 57 -36.74 -16.14 -13.70
C GLU A 57 -37.32 -14.76 -13.95
N THR A 58 -37.60 -14.00 -12.89
CA THR A 58 -38.05 -12.60 -13.05
C THR A 58 -37.01 -11.72 -13.73
N TYR A 59 -35.75 -12.15 -13.72
CA TYR A 59 -34.68 -11.41 -14.40
C TYR A 59 -34.64 -11.62 -15.93
N CYS A 60 -35.41 -12.60 -16.45
CA CYS A 60 -35.39 -12.92 -17.87
C CYS A 60 -36.40 -12.16 -18.71
N ALA A 61 -36.07 -12.03 -19.99
CA ALA A 61 -36.93 -11.41 -20.98
C ALA A 61 -38.12 -12.34 -21.18
N THR A 62 -39.20 -11.76 -21.70
CA THR A 62 -40.41 -12.52 -21.89
C THR A 62 -40.98 -12.38 -23.30
N PRO A 63 -40.19 -12.73 -24.36
CA PRO A 63 -40.71 -12.62 -25.76
C PRO A 63 -41.90 -13.57 -26.09
N ALA A 64 -42.62 -13.26 -27.19
CA ALA A 64 -43.67 -14.16 -27.68
C ALA A 64 -43.05 -15.01 -28.76
N GLU B 1 -12.19 13.60 -11.59
CA GLU B 1 -11.72 13.25 -10.23
C GLU B 1 -12.90 12.59 -9.46
N VAL B 2 -12.93 11.26 -9.50
CA VAL B 2 -13.74 10.45 -8.61
C VAL B 2 -12.82 10.10 -7.43
N GLN B 3 -13.35 10.15 -6.21
CA GLN B 3 -12.51 10.01 -5.03
C GLN B 3 -13.23 9.35 -3.87
N LEU B 4 -12.53 8.40 -3.25
CA LEU B 4 -12.91 7.89 -1.94
C LEU B 4 -11.82 8.24 -0.96
N LEU B 5 -12.20 9.01 0.05
CA LEU B 5 -11.29 9.56 0.99
C LEU B 5 -11.67 8.99 2.33
N GLU B 6 -10.81 8.13 2.86
CA GLU B 6 -10.98 7.53 4.15
C GLU B 6 -10.36 8.32 5.32
N SER B 7 -10.97 8.14 6.48
CA SER B 7 -10.52 8.72 7.73
C SER B 7 -10.90 7.76 8.83
N GLY B 8 -10.38 7.99 10.04
CA GLY B 8 -10.80 7.21 11.19
C GLY B 8 -9.90 6.10 11.71
N GLY B 9 -8.85 5.72 10.98
CA GLY B 9 -7.99 4.67 11.52
C GLY B 9 -7.12 5.10 12.71
N GLY B 10 -6.57 4.13 13.44
CA GLY B 10 -5.63 4.45 14.50
C GLY B 10 -5.41 3.28 15.45
N LEU B 11 -4.98 3.60 16.67
CA LEU B 11 -4.60 2.61 17.67
C LEU B 11 -5.77 2.39 18.61
N VAL B 12 -5.98 1.16 19.04
CA VAL B 12 -7.15 0.84 19.83
C VAL B 12 -6.76 -0.41 20.58
N GLN B 13 -7.14 -0.50 21.84
CA GLN B 13 -6.83 -1.65 22.66
C GLN B 13 -7.71 -2.82 22.23
N PRO B 14 -7.22 -4.08 22.42
CA PRO B 14 -8.03 -5.25 22.23
C PRO B 14 -9.35 -5.14 22.98
N GLY B 15 -10.44 -5.61 22.37
CA GLY B 15 -11.78 -5.43 22.92
C GLY B 15 -12.39 -4.08 22.56
N GLY B 16 -11.56 -3.17 22.04
CA GLY B 16 -11.98 -1.80 21.73
C GLY B 16 -12.79 -1.65 20.44
N SER B 17 -13.05 -0.39 20.10
CA SER B 17 -14.00 0.00 19.06
CA SER B 17 -13.97 -0.04 19.05
C SER B 17 -13.39 1.13 18.26
N LEU B 18 -13.53 1.06 16.93
CA LEU B 18 -13.17 2.15 16.02
CA LEU B 18 -13.17 2.16 16.02
C LEU B 18 -14.19 2.23 14.90
N ARG B 19 -14.41 3.44 14.35
CA ARG B 19 -15.29 3.68 13.22
CA ARG B 19 -15.30 3.72 13.23
C ARG B 19 -14.54 4.39 12.08
N LEU B 20 -14.48 3.70 10.94
CA LEU B 20 -13.88 4.23 9.71
C LEU B 20 -14.97 4.90 8.91
N SER B 21 -14.59 5.91 8.14
CA SER B 21 -15.44 6.70 7.26
C SER B 21 -14.75 6.74 5.90
N CYS B 22 -15.56 6.81 4.85
CA CYS B 22 -15.03 6.79 3.51
C CYS B 22 -15.95 7.73 2.81
N ALA B 23 -15.43 8.89 2.45
CA ALA B 23 -16.23 9.96 1.89
C ALA B 23 -16.05 10.03 0.37
N ALA B 24 -17.16 9.89 -0.36
CA ALA B 24 -17.14 9.73 -1.80
C ALA B 24 -17.36 11.10 -2.46
N SER B 25 -16.69 11.36 -3.56
CA SER B 25 -16.89 12.60 -4.31
C SER B 25 -16.69 12.33 -5.81
N GLY B 26 -17.38 13.09 -6.65
CA GLY B 26 -17.20 12.97 -8.12
C GLY B 26 -18.00 11.89 -8.80
N PHE B 27 -18.93 11.25 -8.08
CA PHE B 27 -19.85 10.25 -8.67
C PHE B 27 -21.16 10.14 -7.91
N THR B 28 -22.16 9.51 -8.54
CA THR B 28 -23.44 9.30 -7.87
C THR B 28 -23.28 8.10 -6.95
N PHE B 29 -22.84 8.38 -5.72
CA PHE B 29 -22.65 7.40 -4.64
C PHE B 29 -23.75 6.34 -4.48
N SER B 30 -25.00 6.79 -4.57
CA SER B 30 -26.17 5.91 -4.34
C SER B 30 -26.39 4.82 -5.39
N ASN B 31 -25.82 4.96 -6.59
CA ASN B 31 -25.84 3.91 -7.61
C ASN B 31 -24.91 2.72 -7.33
N TYR B 32 -24.10 2.82 -6.29
CA TYR B 32 -23.00 1.88 -6.15
C TYR B 32 -23.04 1.06 -4.88
N ILE B 33 -22.75 -0.21 -5.12
CA ILE B 33 -22.52 -1.18 -4.08
C ILE B 33 -21.07 -0.88 -3.56
N MET B 34 -20.90 -0.85 -2.25
CA MET B 34 -19.61 -0.44 -1.67
C MET B 34 -19.04 -1.57 -0.83
N TRP B 35 -17.73 -1.56 -0.65
CA TRP B 35 -16.91 -2.66 -0.19
C TRP B 35 -15.93 -2.14 0.87
N TRP B 36 -15.68 -2.95 1.90
CA TRP B 36 -14.47 -2.82 2.73
C TRP B 36 -13.60 -4.03 2.48
N VAL B 37 -12.30 -3.77 2.40
CA VAL B 37 -11.28 -4.77 2.04
C VAL B 37 -10.13 -4.41 2.96
N ARG B 38 -9.48 -5.42 3.51
CA ARG B 38 -8.35 -5.12 4.36
C ARG B 38 -7.07 -5.81 3.91
N GLN B 39 -5.94 -5.22 4.31
CA GLN B 39 -4.62 -5.83 4.06
C GLN B 39 -3.75 -5.87 5.32
N ALA B 40 -3.67 -7.06 5.93
CA ALA B 40 -2.88 -7.33 7.13
C ALA B 40 -1.41 -7.36 6.76
N PRO B 41 -0.53 -6.91 7.66
CA PRO B 41 0.94 -6.84 7.38
C PRO B 41 1.53 -8.12 6.71
N GLY B 42 2.14 -7.98 5.54
CA GLY B 42 2.62 -9.15 4.75
C GLY B 42 1.58 -10.21 4.43
N LYS B 43 0.35 -9.76 4.18
CA LYS B 43 -0.70 -10.67 3.73
C LYS B 43 -1.39 -10.12 2.50
N GLY B 44 -2.29 -10.91 1.92
CA GLY B 44 -2.99 -10.46 0.76
C GLY B 44 -4.17 -9.60 1.17
N LEU B 45 -4.76 -8.93 0.20
CA LEU B 45 -6.04 -8.25 0.38
C LEU B 45 -7.13 -9.27 0.68
N GLU B 46 -8.06 -8.87 1.55
N GLU B 46 -8.04 -8.88 1.58
CA GLU B 46 -9.19 -9.71 1.96
CA GLU B 46 -9.19 -9.72 1.86
C GLU B 46 -10.47 -8.89 2.12
C GLU B 46 -10.46 -8.88 2.08
N TRP B 47 -11.55 -9.29 1.43
CA TRP B 47 -12.88 -8.75 1.66
C TRP B 47 -13.20 -8.67 3.17
N VAL B 48 -13.79 -7.55 3.62
CA VAL B 48 -14.27 -7.43 5.01
C VAL B 48 -15.83 -7.43 4.98
N SER B 49 -16.36 -6.56 4.14
CA SER B 49 -17.75 -6.25 4.16
C SER B 49 -18.24 -5.65 2.86
N VAL B 50 -19.53 -5.84 2.59
CA VAL B 50 -20.19 -5.26 1.40
C VAL B 50 -21.61 -4.80 1.74
N ILE B 51 -22.04 -3.68 1.16
CA ILE B 51 -23.34 -3.14 1.43
C ILE B 51 -24.03 -2.80 0.12
N SER B 52 -25.35 -2.96 0.05
CA SER B 52 -26.02 -2.64 -1.21
C SER B 52 -26.06 -1.14 -1.39
N SER B 53 -26.55 -0.69 -2.54
CA SER B 53 -26.50 0.70 -2.85
C SER B 53 -27.42 1.59 -2.01
N SER B 54 -28.64 1.15 -1.72
CA SER B 54 -29.50 1.83 -0.73
C SER B 54 -28.96 1.75 0.71
N GLY B 55 -28.36 0.62 1.02
CA GLY B 55 -27.79 0.42 2.34
C GLY B 55 -28.57 -0.61 3.10
N GLY B 56 -29.78 -0.98 2.62
CA GLY B 56 -30.63 -1.87 3.39
C GLY B 56 -30.23 -3.33 3.50
N MET B 57 -29.17 -3.78 2.82
CA MET B 57 -28.70 -5.18 2.93
C MET B 57 -27.17 -5.16 2.97
N THR B 58 -26.55 -6.15 3.65
CA THR B 58 -25.11 -6.16 3.98
C THR B 58 -24.64 -7.58 4.08
N ARG B 59 -23.33 -7.74 3.98
CA ARG B 59 -22.77 -9.08 4.03
C ARG B 59 -21.34 -8.89 4.59
N TYR B 60 -20.86 -9.88 5.35
CA TYR B 60 -19.61 -9.84 6.11
C TYR B 60 -18.84 -11.13 5.94
N ALA B 61 -17.52 -11.01 5.83
CA ALA B 61 -16.60 -12.12 6.00
C ALA B 61 -16.80 -12.74 7.37
N ASP B 62 -16.68 -14.07 7.44
CA ASP B 62 -16.90 -14.85 8.67
C ASP B 62 -16.07 -14.32 9.81
N SER B 63 -14.82 -14.01 9.53
CA SER B 63 -13.91 -13.55 10.55
C SER B 63 -14.39 -12.30 11.29
N VAL B 64 -15.34 -11.56 10.74
CA VAL B 64 -15.77 -10.29 11.36
C VAL B 64 -17.25 -10.21 11.76
N LYS B 65 -18.00 -11.28 11.50
CA LYS B 65 -19.43 -11.28 11.69
C LYS B 65 -19.75 -11.17 13.18
N GLY B 66 -20.69 -10.29 13.48
CA GLY B 66 -21.15 -10.07 14.85
C GLY B 66 -20.35 -8.96 15.47
N ARG B 67 -19.24 -8.58 14.83
CA ARG B 67 -18.36 -7.61 15.40
C ARG B 67 -18.27 -6.28 14.63
N PHE B 68 -18.36 -6.34 13.30
CA PHE B 68 -18.29 -5.13 12.49
C PHE B 68 -19.65 -4.86 11.90
N THR B 69 -19.92 -3.57 11.65
CA THR B 69 -21.10 -3.17 10.98
C THR B 69 -20.75 -2.12 9.96
N ILE B 70 -21.09 -2.42 8.71
CA ILE B 70 -21.01 -1.50 7.56
C ILE B 70 -22.35 -0.75 7.41
N SER B 71 -22.26 0.49 6.94
CA SER B 71 -23.45 1.28 6.73
C SER B 71 -23.02 2.39 5.83
N ARG B 72 -24.01 3.13 5.35
CA ARG B 72 -23.74 4.25 4.49
C ARG B 72 -24.84 5.28 4.73
N ASP B 73 -24.51 6.53 4.42
CA ASP B 73 -25.44 7.63 4.50
C ASP B 73 -25.41 8.24 3.12
N ASN B 74 -26.43 7.98 2.32
CA ASN B 74 -26.33 8.43 0.95
C ASN B 74 -26.44 9.97 0.85
N SER B 75 -27.03 10.55 1.89
CA SER B 75 -27.31 11.99 1.90
C SER B 75 -26.01 12.78 2.03
N LYS B 76 -25.05 12.20 2.75
CA LYS B 76 -23.72 12.79 2.96
C LYS B 76 -22.64 12.17 2.08
N ASN B 77 -23.03 11.22 1.23
CA ASN B 77 -22.08 10.60 0.29
C ASN B 77 -20.95 9.84 1.00
N THR B 78 -21.27 9.12 2.07
CA THR B 78 -20.29 8.51 2.99
C THR B 78 -20.59 7.05 3.33
N LEU B 79 -19.52 6.28 3.46
CA LEU B 79 -19.58 4.86 3.84
C LEU B 79 -18.89 4.64 5.21
N TYR B 80 -19.42 3.77 6.06
CA TYR B 80 -18.87 3.58 7.39
C TYR B 80 -18.55 2.14 7.62
N LEU B 81 -17.56 1.87 8.46
CA LEU B 81 -17.34 0.52 9.03
C LEU B 81 -17.19 0.67 10.54
N GLN B 82 -18.11 0.11 11.29
CA GLN B 82 -18.04 0.13 12.74
C GLN B 82 -17.42 -1.18 13.20
N MET B 83 -16.25 -1.05 13.80
CA MET B 83 -15.47 -2.16 14.23
C MET B 83 -15.54 -2.28 15.78
N ASN B 84 -16.15 -3.33 16.31
CA ASN B 84 -16.19 -3.55 17.75
C ASN B 84 -15.51 -4.87 18.10
N SER B 85 -15.33 -5.11 19.40
CA SER B 85 -14.57 -6.25 19.93
C SER B 85 -13.29 -6.51 19.11
N LEU B 86 -12.55 -5.44 18.84
CA LEU B 86 -11.33 -5.48 17.99
C LEU B 86 -10.30 -6.43 18.58
N ARG B 87 -9.77 -7.32 17.73
CA ARG B 87 -8.78 -8.33 18.08
C ARG B 87 -7.45 -7.94 17.38
N ALA B 88 -6.33 -8.44 17.89
CA ALA B 88 -5.02 -8.12 17.30
C ALA B 88 -4.96 -8.48 15.82
N GLU B 89 -5.58 -9.61 15.44
CA GLU B 89 -5.61 -10.07 14.03
C GLU B 89 -6.39 -9.17 13.09
N ASP B 90 -7.01 -8.12 13.59
CA ASP B 90 -7.76 -7.15 12.78
C ASP B 90 -6.86 -6.02 12.36
N THR B 91 -5.66 -5.98 12.96
CA THR B 91 -4.63 -5.00 12.59
C THR B 91 -4.36 -5.12 11.10
N ALA B 92 -4.51 -4.03 10.36
CA ALA B 92 -4.35 -4.06 8.92
C ALA B 92 -4.59 -2.65 8.39
N VAL B 93 -4.28 -2.44 7.12
CA VAL B 93 -4.74 -1.29 6.34
C VAL B 93 -6.15 -1.67 5.80
N TYR B 94 -7.10 -0.75 5.98
CA TYR B 94 -8.51 -0.94 5.60
C TYR B 94 -8.78 -0.03 4.45
N TYR B 95 -9.23 -0.62 3.34
CA TYR B 95 -9.64 0.10 2.13
C TYR B 95 -11.14 0.04 1.97
N CYS B 96 -11.74 1.16 1.56
CA CYS B 96 -13.04 1.11 0.91
C CYS B 96 -12.85 1.07 -0.61
N ALA B 97 -13.82 0.49 -1.32
CA ALA B 97 -13.72 0.31 -2.75
C ALA B 97 -15.12 0.28 -3.36
N ARG B 98 -15.24 0.78 -4.58
CA ARG B 98 -16.51 0.88 -5.30
C ARG B 98 -16.66 -0.33 -6.22
N ASP B 99 -17.92 -0.74 -6.45
CA ASP B 99 -18.17 -1.86 -7.32
C ASP B 99 -18.06 -1.36 -8.74
N ASN B 100 -17.27 -2.10 -9.49
CA ASN B 100 -17.08 -1.90 -10.90
C ASN B 100 -18.18 -2.52 -11.78
N GLY B 101 -19.07 -3.34 -11.24
CA GLY B 101 -20.01 -4.05 -12.09
C GLY B 101 -21.44 -3.98 -11.65
N ASP B 102 -22.25 -4.97 -12.05
CA ASP B 102 -23.70 -4.90 -11.88
C ASP B 102 -24.32 -6.07 -11.09
N TYR B 103 -23.52 -7.08 -10.74
CA TYR B 103 -23.99 -8.36 -10.18
C TYR B 103 -23.26 -8.65 -8.85
N VAL B 104 -22.69 -7.59 -8.25
CA VAL B 104 -22.02 -7.57 -6.92
C VAL B 104 -20.68 -8.27 -7.01
N GLY B 105 -19.73 -7.53 -7.55
CA GLY B 105 -18.35 -7.95 -7.42
C GLY B 105 -17.84 -8.71 -8.58
N GLU B 106 -18.63 -8.77 -9.68
CA GLU B 106 -18.30 -9.64 -10.83
C GLU B 106 -17.23 -9.07 -11.76
N LYS B 107 -16.97 -7.76 -11.66
CA LYS B 107 -15.92 -7.11 -12.43
C LYS B 107 -14.90 -6.41 -11.57
N GLY B 108 -14.70 -6.86 -10.34
CA GLY B 108 -13.71 -6.23 -9.45
C GLY B 108 -14.19 -4.94 -8.85
N PHE B 109 -13.26 -4.23 -8.22
CA PHE B 109 -13.55 -2.99 -7.55
C PHE B 109 -12.67 -1.95 -8.22
N ASP B 110 -13.29 -0.93 -8.84
CA ASP B 110 -12.52 -0.01 -9.72
C ASP B 110 -11.91 1.14 -8.94
N ILE B 111 -12.69 1.72 -8.04
CA ILE B 111 -12.24 2.92 -7.32
C ILE B 111 -12.03 2.57 -5.87
N TRP B 112 -10.85 2.92 -5.34
CA TRP B 112 -10.39 2.57 -3.99
C TRP B 112 -10.09 3.81 -3.14
N GLY B 113 -10.47 3.77 -1.86
CA GLY B 113 -9.88 4.71 -0.87
C GLY B 113 -8.35 4.64 -0.80
N GLN B 114 -7.70 5.61 -0.15
CA GLN B 114 -6.24 5.56 -0.01
C GLN B 114 -5.74 4.57 1.07
N GLY B 115 -6.66 3.98 1.83
CA GLY B 115 -6.28 3.08 2.91
C GLY B 115 -6.16 3.82 4.23
N THR B 116 -6.58 3.20 5.32
CA THR B 116 -6.40 3.74 6.65
C THR B 116 -5.94 2.59 7.53
N MET B 117 -4.87 2.84 8.28
CA MET B 117 -4.29 1.82 9.15
CA MET B 117 -4.31 1.80 9.16
C MET B 117 -5.07 1.66 10.48
N VAL B 118 -5.21 0.42 10.95
CA VAL B 118 -5.87 0.13 12.19
C VAL B 118 -4.99 -0.81 12.97
N THR B 119 -4.55 -0.36 14.15
CA THR B 119 -3.62 -1.12 14.97
C THR B 119 -4.29 -1.53 16.28
N VAL B 120 -4.35 -2.82 16.56
CA VAL B 120 -5.01 -3.29 17.76
C VAL B 120 -3.90 -3.76 18.69
N SER B 121 -3.72 -3.10 19.82
CA SER B 121 -2.53 -3.25 20.67
C SER B 121 -2.76 -2.62 22.04
N SER B 122 -2.13 -3.23 23.04
CA SER B 122 -2.09 -2.69 24.40
C SER B 122 -1.15 -1.50 24.60
N ALA B 123 -0.19 -1.30 23.68
CA ALA B 123 0.82 -0.25 23.83
C ALA B 123 0.22 1.12 23.62
N SER B 124 0.76 2.11 24.33
CA SER B 124 0.30 3.50 24.21
C SER B 124 0.90 4.16 22.97
N THR B 125 0.18 5.12 22.40
CA THR B 125 0.74 5.90 21.31
C THR B 125 1.89 6.77 21.85
N LYS B 126 2.89 7.01 20.99
CA LYS B 126 4.04 7.85 21.31
C LYS B 126 4.38 8.63 20.08
N GLY B 127 4.36 9.95 20.20
CA GLY B 127 4.74 10.82 19.11
C GLY B 127 6.25 10.90 18.93
N PRO B 128 6.69 11.17 17.70
CA PRO B 128 8.11 11.13 17.35
C PRO B 128 8.90 12.36 17.75
N SER B 129 10.21 12.14 17.98
CA SER B 129 11.18 13.24 18.00
C SER B 129 11.75 13.36 16.59
N VAL B 130 11.75 14.58 16.07
CA VAL B 130 12.24 14.90 14.71
C VAL B 130 13.56 15.71 14.77
N PHE B 131 14.63 15.12 14.18
CA PHE B 131 15.99 15.67 14.26
C PHE B 131 16.57 15.93 12.88
N PRO B 132 17.30 17.06 12.72
CA PRO B 132 17.89 17.35 11.43
C PRO B 132 18.97 16.33 11.01
N LEU B 133 19.02 16.05 9.72
CA LEU B 133 20.19 15.40 9.14
C LEU B 133 20.84 16.48 8.29
N ALA B 134 21.69 17.27 8.95
CA ALA B 134 22.22 18.51 8.39
C ALA B 134 23.24 18.23 7.29
N PRO B 135 23.13 18.96 6.15
CA PRO B 135 24.09 18.79 5.06
C PRO B 135 25.43 19.39 5.41
N SER B 136 26.51 18.79 4.94
CA SER B 136 27.81 19.49 4.95
C SER B 136 28.65 19.22 3.69
N SER B 137 29.97 19.29 3.86
CA SER B 137 30.95 19.14 2.77
C SER B 137 31.03 17.69 2.27
N GLY B 143 28.36 20.17 -6.26
CA GLY B 143 27.35 19.71 -7.22
C GLY B 143 26.02 19.39 -6.57
N THR B 144 26.00 18.39 -5.67
CA THR B 144 24.77 17.88 -5.03
C THR B 144 24.99 17.60 -3.55
N ALA B 145 24.07 18.08 -2.73
CA ALA B 145 24.14 17.87 -1.27
C ALA B 145 22.90 17.14 -0.74
N ALA B 146 23.10 16.30 0.27
CA ALA B 146 22.01 15.57 0.90
C ALA B 146 21.67 16.15 2.27
N LEU B 147 20.38 16.20 2.58
CA LEU B 147 19.93 16.57 3.90
C LEU B 147 18.72 15.72 4.29
N GLY B 148 18.37 15.72 5.56
CA GLY B 148 17.27 14.86 5.95
C GLY B 148 16.66 15.29 7.24
N CYS B 149 15.71 14.48 7.68
CA CYS B 149 15.15 14.54 9.00
C CYS B 149 15.11 13.11 9.48
N LEU B 150 15.55 12.88 10.72
CA LEU B 150 15.35 11.61 11.37
C LEU B 150 14.10 11.74 12.23
N VAL B 151 13.22 10.76 12.12
CA VAL B 151 11.93 10.74 12.81
C VAL B 151 11.99 9.52 13.69
N LYS B 152 12.16 9.77 14.96
CA LYS B 152 12.57 8.74 15.84
C LYS B 152 11.57 8.51 16.98
N ASP B 153 11.36 7.24 17.28
CA ASP B 153 10.75 6.78 18.53
C ASP B 153 9.26 7.06 18.63
N TYR B 154 8.49 6.57 17.67
CA TYR B 154 7.05 6.79 17.64
C TYR B 154 6.35 5.45 17.60
N PHE B 155 5.05 5.46 17.89
CA PHE B 155 4.23 4.27 17.80
C PHE B 155 2.76 4.74 17.84
N PRO B 156 1.87 4.09 17.06
CA PRO B 156 2.18 3.02 16.11
C PRO B 156 2.62 3.70 14.81
N GLU B 157 2.87 2.91 13.78
CA GLU B 157 2.93 3.43 12.39
C GLU B 157 1.57 4.03 11.99
N PRO B 158 1.54 4.91 10.99
CA PRO B 158 2.62 5.56 10.21
C PRO B 158 2.87 7.04 10.58
N VAL B 159 3.94 7.61 10.01
CA VAL B 159 4.13 9.05 9.95
C VAL B 159 4.07 9.49 8.48
N THR B 160 3.66 10.72 8.28
CA THR B 160 3.79 11.35 6.98
C THR B 160 5.04 12.24 7.06
N VAL B 161 5.84 12.21 6.01
CA VAL B 161 6.90 13.17 5.85
C VAL B 161 6.75 13.86 4.50
N SER B 162 6.76 15.20 4.52
CA SER B 162 6.86 15.99 3.29
C SER B 162 7.95 17.05 3.45
N TRP B 163 8.45 17.55 2.33
CA TRP B 163 9.42 18.65 2.29
C TRP B 163 8.78 19.90 1.69
N ASN B 164 8.94 21.02 2.40
CA ASN B 164 8.46 22.32 1.93
C ASN B 164 6.95 22.33 1.65
N SER B 165 6.17 21.81 2.60
CA SER B 165 4.71 21.60 2.45
C SER B 165 4.23 20.82 1.21
N GLY B 166 5.12 20.04 0.60
CA GLY B 166 4.78 19.28 -0.60
C GLY B 166 5.33 19.95 -1.85
N ALA B 167 5.87 21.16 -1.67
CA ALA B 167 6.52 21.93 -2.72
C ALA B 167 7.78 21.25 -3.28
N LEU B 168 8.43 20.42 -2.48
CA LEU B 168 9.63 19.68 -2.89
C LEU B 168 9.39 18.17 -2.83
N THR B 169 9.44 17.54 -4.01
CA THR B 169 9.16 16.11 -4.14
C THR B 169 10.31 15.31 -4.76
N SER B 170 11.03 15.90 -5.72
CA SER B 170 12.02 15.13 -6.49
C SER B 170 13.33 15.01 -5.72
N GLY B 171 13.88 13.80 -5.70
CA GLY B 171 15.10 13.56 -4.93
C GLY B 171 14.80 13.22 -3.49
N VAL B 172 13.51 13.20 -3.14
CA VAL B 172 13.08 12.80 -1.78
C VAL B 172 13.06 11.27 -1.61
N HIS B 173 13.70 10.76 -0.54
CA HIS B 173 13.60 9.34 -0.15
C HIS B 173 13.21 9.12 1.33
N THR B 174 11.92 8.86 1.57
CA THR B 174 11.46 8.62 2.91
C THR B 174 11.55 7.13 3.08
N PHE B 175 12.39 6.68 4.00
CA PHE B 175 12.64 5.27 4.20
C PHE B 175 11.49 4.61 4.94
N PRO B 176 11.24 3.32 4.65
CA PRO B 176 10.28 2.63 5.46
C PRO B 176 10.74 2.60 6.91
N ALA B 177 9.78 2.49 7.82
CA ALA B 177 10.08 2.56 9.22
C ALA B 177 10.69 1.24 9.71
N VAL B 178 11.65 1.31 10.65
CA VAL B 178 12.16 0.07 11.26
C VAL B 178 11.78 -0.04 12.72
N LEU B 179 11.44 -1.25 13.15
CA LEU B 179 11.12 -1.47 14.56
C LEU B 179 12.41 -1.62 15.36
N GLN B 180 12.62 -0.70 16.30
CA GLN B 180 13.78 -0.80 17.18
C GLN B 180 13.57 -1.85 18.28
N SER B 181 14.65 -2.29 18.91
CA SER B 181 14.52 -3.19 20.07
C SER B 181 13.53 -2.65 21.16
N SER B 182 13.40 -1.32 21.25
CA SER B 182 12.45 -0.66 22.18
C SER B 182 10.95 -0.93 21.88
N GLY B 183 10.64 -1.30 20.65
CA GLY B 183 9.27 -1.48 20.25
C GLY B 183 8.72 -0.22 19.59
N LEU B 184 9.60 0.79 19.51
CA LEU B 184 9.33 2.06 18.84
C LEU B 184 9.87 2.08 17.41
N TYR B 185 9.22 2.88 16.54
CA TYR B 185 9.64 2.98 15.15
C TYR B 185 10.52 4.17 14.93
N SER B 186 11.38 4.04 13.93
CA SER B 186 12.20 5.13 13.48
C SER B 186 12.31 5.13 11.96
N LEU B 187 12.45 6.34 11.41
CA LEU B 187 12.60 6.48 9.98
C LEU B 187 13.39 7.75 9.64
N SER B 188 14.13 7.74 8.52
CA SER B 188 14.69 8.97 7.95
C SER B 188 13.99 9.36 6.65
N SER B 189 13.91 10.65 6.39
CA SER B 189 13.54 11.12 5.06
C SER B 189 14.68 11.96 4.56
N VAL B 190 15.22 11.62 3.40
CA VAL B 190 16.35 12.38 2.91
C VAL B 190 15.95 13.03 1.61
N VAL B 191 16.68 14.07 1.26
CA VAL B 191 16.52 14.68 -0.04
C VAL B 191 17.90 15.07 -0.61
N THR B 192 18.12 14.86 -1.90
CA THR B 192 19.27 15.49 -2.54
C THR B 192 18.87 16.75 -3.29
N VAL B 193 19.64 17.81 -3.07
CA VAL B 193 19.39 19.13 -3.63
C VAL B 193 20.71 19.72 -4.15
N PRO B 194 20.65 20.73 -5.05
CA PRO B 194 21.92 21.37 -5.44
C PRO B 194 22.56 22.21 -4.33
N SER B 195 23.86 21.97 -4.12
CA SER B 195 24.73 22.73 -3.21
C SER B 195 24.64 24.25 -3.36
N SER B 196 24.32 24.70 -4.57
N SER B 196 24.32 24.72 -4.57
CA SER B 196 24.21 26.11 -4.91
CA SER B 196 24.22 26.15 -4.87
C SER B 196 23.13 26.82 -4.08
C SER B 196 23.14 26.80 -4.03
N SER B 197 21.92 26.27 -4.12
CA SER B 197 20.79 26.75 -3.33
C SER B 197 20.73 25.94 -2.03
N LEU B 198 21.53 26.40 -1.06
CA LEU B 198 21.74 25.73 0.23
C LEU B 198 22.09 26.80 1.27
N GLY B 199 21.77 28.03 0.92
CA GLY B 199 21.86 29.20 1.79
C GLY B 199 20.89 30.18 1.16
N THR B 200 20.59 29.90 -0.12
CA THR B 200 19.59 30.60 -0.92
C THR B 200 18.18 30.25 -0.46
N GLN B 201 17.94 28.95 -0.22
CA GLN B 201 16.61 28.49 0.13
C GLN B 201 16.52 27.66 1.42
N THR B 202 15.35 27.73 2.06
CA THR B 202 15.07 26.97 3.28
C THR B 202 14.60 25.53 2.95
N TYR B 203 15.07 24.58 3.74
CA TYR B 203 14.57 23.23 3.64
C TYR B 203 13.90 22.84 4.95
N ILE B 204 12.62 22.46 4.84
CA ILE B 204 11.77 22.20 6.01
C ILE B 204 11.00 20.90 5.80
N CYS B 205 11.19 19.94 6.71
CA CYS B 205 10.44 18.68 6.69
C CYS B 205 9.20 18.73 7.60
N ASN B 206 8.08 18.27 7.06
CA ASN B 206 6.82 18.27 7.78
C ASN B 206 6.46 16.86 8.14
N VAL B 207 6.47 16.58 9.45
CA VAL B 207 6.24 15.25 9.97
C VAL B 207 4.88 15.20 10.67
N ASN B 208 4.00 14.36 10.15
CA ASN B 208 2.69 14.19 10.78
C ASN B 208 2.54 12.81 11.36
N HIS B 209 2.28 12.74 12.66
CA HIS B 209 1.95 11.48 13.28
C HIS B 209 0.58 11.65 13.92
N LYS B 210 -0.42 11.05 13.28
CA LYS B 210 -1.80 11.30 13.67
C LYS B 210 -2.24 10.50 14.88
N PRO B 211 -1.84 9.22 14.98
CA PRO B 211 -2.18 8.47 16.20
C PRO B 211 -1.84 9.19 17.53
N SER B 212 -1.02 10.25 17.49
CA SER B 212 -0.59 11.00 18.70
C SER B 212 -0.73 12.52 18.55
N ASN B 213 -1.32 12.95 17.43
CA ASN B 213 -1.53 14.37 17.13
C ASN B 213 -0.29 15.27 17.05
N THR B 214 0.85 14.65 16.76
CA THR B 214 2.08 15.39 16.54
C THR B 214 2.08 15.92 15.11
N LYS B 215 2.42 17.19 14.98
CA LYS B 215 2.70 17.77 13.67
C LYS B 215 3.91 18.64 13.92
N VAL B 216 5.02 18.32 13.25
CA VAL B 216 6.29 19.03 13.45
C VAL B 216 6.84 19.49 12.11
N ASP B 217 7.21 20.76 12.02
CA ASP B 217 8.09 21.23 10.95
C ASP B 217 9.48 21.40 11.52
N LYS B 218 10.46 20.76 10.91
CA LYS B 218 11.85 20.93 11.30
C LYS B 218 12.61 21.64 10.16
N LYS B 219 13.23 22.75 10.51
CA LYS B 219 14.05 23.52 9.58
C LYS B 219 15.44 22.86 9.52
N VAL B 220 15.83 22.42 8.33
CA VAL B 220 17.15 21.80 8.13
C VAL B 220 18.14 22.74 7.38
N GLU B 221 19.04 23.32 8.16
CA GLU B 221 20.04 24.23 7.64
C GLU B 221 21.46 23.65 7.85
N PRO B 222 22.42 24.04 6.98
CA PRO B 222 23.81 23.54 6.99
C PRO B 222 24.50 23.63 8.33
N LYS B 223 25.46 22.73 8.55
CA LYS B 223 26.15 22.58 9.83
C LYS B 223 27.00 21.31 9.77
N GLN C 1 -13.86 -25.44 0.79
CA GLN C 1 -14.99 -24.77 0.05
C GLN C 1 -14.81 -23.30 -0.40
N ASP C 2 -14.29 -22.38 0.42
CA ASP C 2 -13.85 -21.09 -0.19
C ASP C 2 -12.69 -21.35 -1.19
N ILE C 3 -12.80 -20.67 -2.32
CA ILE C 3 -11.86 -20.76 -3.43
C ILE C 3 -10.57 -20.01 -3.09
N GLN C 4 -9.47 -20.76 -3.22
CA GLN C 4 -8.11 -20.30 -3.03
C GLN C 4 -7.35 -19.97 -4.33
N MET C 5 -6.57 -18.89 -4.28
CA MET C 5 -6.00 -18.31 -5.46
C MET C 5 -4.48 -18.50 -5.30
N THR C 6 -3.81 -18.90 -6.38
CA THR C 6 -2.40 -19.22 -6.39
C THR C 6 -1.75 -18.54 -7.59
N GLN C 7 -0.66 -17.82 -7.36
CA GLN C 7 0.05 -17.15 -8.42
C GLN C 7 1.46 -17.75 -8.61
N SER C 8 1.96 -17.62 -9.85
CA SER C 8 3.35 -17.95 -10.12
C SER C 8 3.94 -17.03 -11.14
N PRO C 9 5.20 -16.62 -10.92
CA PRO C 9 5.99 -16.93 -9.72
C PRO C 9 5.64 -15.91 -8.62
N SER C 10 6.12 -16.06 -7.39
CA SER C 10 5.83 -15.03 -6.37
C SER C 10 6.56 -13.70 -6.58
N SER C 11 7.62 -13.75 -7.40
CA SER C 11 8.35 -12.57 -7.84
C SER C 11 9.17 -12.91 -9.03
N LEU C 12 9.56 -11.87 -9.75
CA LEU C 12 10.40 -11.97 -10.94
C LEU C 12 11.06 -10.62 -11.09
N SER C 13 12.14 -10.62 -11.85
CA SER C 13 12.92 -9.45 -12.16
C SER C 13 13.10 -9.51 -13.66
N ALA C 14 12.81 -8.43 -14.36
CA ALA C 14 12.77 -8.50 -15.80
C ALA C 14 13.18 -7.14 -16.27
N SER C 15 13.67 -7.08 -17.50
CA SER C 15 14.24 -5.87 -18.04
C SER C 15 13.23 -5.01 -18.70
N VAL C 16 13.46 -3.70 -18.69
CA VAL C 16 12.63 -2.76 -19.41
C VAL C 16 12.57 -3.22 -20.87
N GLY C 17 11.38 -3.16 -21.46
CA GLY C 17 11.15 -3.67 -22.82
C GLY C 17 10.85 -5.16 -22.94
N ASP C 18 10.91 -5.91 -21.85
CA ASP C 18 10.68 -7.36 -21.87
C ASP C 18 9.18 -7.66 -21.80
N ARG C 19 8.82 -8.88 -22.18
CA ARG C 19 7.46 -9.41 -22.02
C ARG C 19 7.42 -10.21 -20.73
N VAL C 20 6.49 -9.84 -19.87
CA VAL C 20 6.32 -10.43 -18.55
C VAL C 20 5.02 -11.20 -18.56
N THR C 21 5.09 -12.43 -18.04
CA THR C 21 3.95 -13.36 -17.97
C THR C 21 3.71 -13.81 -16.52
N ILE C 22 2.54 -13.48 -15.96
CA ILE C 22 2.20 -13.87 -14.58
C ILE C 22 0.96 -14.78 -14.64
N THR C 23 1.05 -15.90 -13.94
CA THR C 23 -0.02 -16.90 -13.91
C THR C 23 -0.77 -16.80 -12.59
N CYS C 24 -2.10 -16.97 -12.68
CA CYS C 24 -2.99 -17.13 -11.53
C CYS C 24 -3.84 -18.39 -11.72
N ARG C 25 -4.01 -19.19 -10.67
CA ARG C 25 -4.89 -20.36 -10.71
C ARG C 25 -5.89 -20.24 -9.57
N ALA C 26 -7.10 -20.75 -9.82
CA ALA C 26 -8.20 -20.99 -8.83
C ALA C 26 -8.30 -22.46 -8.43
N SER C 27 -8.68 -22.75 -7.21
CA SER C 27 -8.69 -24.14 -6.75
C SER C 27 -10.02 -24.76 -7.16
N GLN C 28 -10.95 -23.92 -7.59
CA GLN C 28 -12.24 -24.38 -8.09
C GLN C 28 -12.53 -23.48 -9.23
N SER C 29 -13.54 -23.84 -10.00
CA SER C 29 -13.89 -23.17 -11.23
C SER C 29 -14.52 -21.80 -11.02
N ILE C 30 -13.92 -20.81 -11.64
CA ILE C 30 -14.38 -19.45 -11.50
C ILE C 30 -14.87 -18.89 -12.82
N SER C 31 -15.13 -19.75 -13.80
CA SER C 31 -15.50 -19.30 -15.13
C SER C 31 -14.43 -18.32 -15.64
N ASN C 32 -14.83 -17.24 -16.28
CA ASN C 32 -13.88 -16.23 -16.75
C ASN C 32 -13.77 -15.02 -15.84
N TYR C 33 -14.17 -15.17 -14.58
CA TYR C 33 -14.27 -14.05 -13.64
C TYR C 33 -13.00 -13.89 -12.82
N LEU C 34 -11.96 -13.36 -13.46
CA LEU C 34 -10.68 -13.17 -12.84
C LEU C 34 -10.19 -11.76 -13.14
N ASN C 35 -9.86 -11.01 -12.11
CA ASN C 35 -9.37 -9.61 -12.21
C ASN C 35 -7.88 -9.56 -11.88
N TRP C 36 -7.22 -8.50 -12.37
CA TRP C 36 -5.82 -8.18 -12.05
C TRP C 36 -5.70 -6.76 -11.50
N TYR C 37 -4.91 -6.60 -10.43
CA TYR C 37 -4.72 -5.34 -9.73
C TYR C 37 -3.21 -5.14 -9.72
N GLN C 38 -2.81 -3.87 -9.78
CA GLN C 38 -1.44 -3.51 -9.64
C GLN C 38 -1.34 -2.77 -8.33
N GLN C 39 -0.47 -3.24 -7.45
CA GLN C 39 -0.31 -2.54 -6.17
C GLN C 39 1.14 -2.14 -5.95
N LYS C 40 1.34 -0.82 -5.93
CA LYS C 40 2.61 -0.22 -5.55
C LYS C 40 2.65 -0.09 -4.04
N PRO C 41 3.88 -0.13 -3.46
CA PRO C 41 4.07 -0.25 -2.01
C PRO C 41 3.32 0.83 -1.18
N GLY C 42 2.65 0.39 -0.12
CA GLY C 42 1.76 1.27 0.66
C GLY C 42 0.65 2.03 -0.10
N LYS C 43 0.21 1.52 -1.25
CA LYS C 43 -0.82 2.21 -2.06
C LYS C 43 -2.05 1.37 -2.29
N ALA C 44 -3.15 2.04 -2.64
CA ALA C 44 -4.42 1.36 -2.92
C ALA C 44 -4.20 0.57 -4.21
N PRO C 45 -4.75 -0.65 -4.30
CA PRO C 45 -4.56 -1.33 -5.58
C PRO C 45 -5.23 -0.59 -6.71
N LYS C 46 -4.78 -0.88 -7.92
CA LYS C 46 -5.38 -0.29 -9.10
C LYS C 46 -5.85 -1.42 -10.02
N LEU C 47 -7.15 -1.40 -10.31
CA LEU C 47 -7.73 -2.42 -11.22
C LEU C 47 -7.20 -2.30 -12.66
N LEU C 48 -6.67 -3.40 -13.18
CA LEU C 48 -6.12 -3.40 -14.53
C LEU C 48 -7.04 -4.04 -15.57
N ILE C 49 -7.54 -5.20 -15.17
CA ILE C 49 -8.20 -6.19 -15.98
C ILE C 49 -9.27 -6.87 -15.14
N TYR C 50 -10.44 -7.04 -15.73
CA TYR C 50 -11.53 -7.80 -15.12
C TYR C 50 -12.04 -8.77 -16.18
N THR C 51 -12.80 -9.78 -15.76
CA THR C 51 -13.27 -10.86 -16.65
C THR C 51 -12.19 -11.42 -17.58
N ALA C 52 -11.03 -11.67 -16.96
CA ALA C 52 -9.86 -12.38 -17.54
C ALA C 52 -9.09 -11.57 -18.57
N SER C 53 -9.81 -10.88 -19.44
CA SER C 53 -9.16 -10.14 -20.54
C SER C 53 -9.64 -8.74 -20.82
N THR C 54 -10.59 -8.19 -20.04
CA THR C 54 -11.10 -6.84 -20.30
C THR C 54 -10.32 -5.77 -19.55
N LEU C 55 -9.59 -4.97 -20.34
CA LEU C 55 -8.72 -3.95 -19.86
C LEU C 55 -9.63 -2.90 -19.28
N GLN C 56 -9.27 -2.40 -18.11
CA GLN C 56 -10.02 -1.32 -17.47
C GLN C 56 -9.60 -0.02 -18.16
N SER C 57 -10.48 0.97 -18.25
CA SER C 57 -10.11 2.24 -18.90
C SER C 57 -8.95 2.96 -18.21
N GLY C 58 -8.13 3.67 -19.00
CA GLY C 58 -6.99 4.44 -18.48
C GLY C 58 -5.75 3.58 -18.25
N VAL C 59 -5.88 2.28 -18.54
CA VAL C 59 -4.81 1.30 -18.39
C VAL C 59 -4.11 1.10 -19.75
N PRO C 60 -2.76 1.20 -19.79
CA PRO C 60 -2.03 1.05 -21.01
C PRO C 60 -2.27 -0.29 -21.67
N SER C 61 -2.31 -0.25 -23.00
CA SER C 61 -2.53 -1.41 -23.86
C SER C 61 -1.46 -2.50 -23.73
N ARG C 62 -0.33 -2.21 -23.07
CA ARG C 62 0.72 -3.21 -22.90
C ARG C 62 0.32 -4.33 -21.89
N PHE C 63 -0.61 -4.00 -21.01
CA PHE C 63 -1.22 -4.97 -20.11
C PHE C 63 -2.33 -5.70 -20.80
N SER C 64 -2.23 -7.02 -20.80
CA SER C 64 -3.32 -7.82 -21.30
C SER C 64 -3.54 -9.05 -20.41
N GLY C 65 -4.74 -9.62 -20.44
CA GLY C 65 -5.02 -10.81 -19.68
C GLY C 65 -5.54 -11.97 -20.51
N SER C 66 -5.25 -13.17 -20.08
CA SER C 66 -5.81 -14.31 -20.77
C SER C 66 -6.21 -15.42 -19.82
N ALA C 67 -7.36 -16.05 -20.11
CA ALA C 67 -7.64 -17.41 -19.71
C ALA C 67 -6.71 -18.32 -20.50
N SER C 68 -6.24 -19.38 -19.86
CA SER C 68 -5.18 -20.17 -20.43
C SER C 68 -5.48 -21.61 -20.02
N GLY C 69 -6.55 -22.15 -20.61
CA GLY C 69 -7.14 -23.36 -20.12
C GLY C 69 -7.83 -22.92 -18.85
N THR C 70 -7.52 -23.64 -17.77
CA THR C 70 -7.90 -23.40 -16.35
C THR C 70 -6.74 -22.76 -15.54
N ASP C 71 -6.31 -21.61 -16.06
CA ASP C 71 -5.17 -20.85 -15.63
C ASP C 71 -5.61 -19.54 -16.16
N PHE C 72 -4.96 -18.50 -15.66
CA PHE C 72 -5.14 -17.16 -16.16
C PHE C 72 -3.75 -16.53 -16.15
N THR C 73 -3.49 -15.67 -17.13
CA THR C 73 -2.20 -15.04 -17.24
C THR C 73 -2.40 -13.55 -17.45
N LEU C 74 -1.56 -12.75 -16.77
CA LEU C 74 -1.43 -11.31 -17.07
C LEU C 74 -0.13 -11.18 -17.88
N THR C 75 -0.20 -10.41 -18.96
CA THR C 75 0.96 -10.18 -19.78
C THR C 75 1.29 -8.69 -19.74
N ILE C 76 2.54 -8.37 -19.42
CA ILE C 76 3.03 -7.01 -19.61
C ILE C 76 4.00 -7.03 -20.81
N ASN C 77 3.51 -6.50 -21.91
CA ASN C 77 4.33 -6.36 -23.09
C ASN C 77 5.13 -5.12 -22.93
N SER C 78 6.44 -5.20 -23.15
CA SER C 78 7.27 -4.00 -23.06
C SER C 78 7.32 -3.43 -21.62
N LEU C 79 7.83 -4.23 -20.68
CA LEU C 79 7.90 -3.81 -19.28
C LEU C 79 8.48 -2.42 -19.16
N GLN C 80 7.85 -1.54 -18.39
CA GLN C 80 8.34 -0.17 -18.22
C GLN C 80 8.85 0.03 -16.77
N PRO C 81 9.67 1.07 -16.54
CA PRO C 81 10.17 1.28 -15.14
C PRO C 81 9.04 1.55 -14.08
N GLU C 82 7.96 2.19 -14.51
CA GLU C 82 6.78 2.42 -13.68
C GLU C 82 6.07 1.16 -13.30
N ASP C 83 6.44 0.05 -13.88
CA ASP C 83 5.59 -1.16 -13.74
C ASP C 83 5.98 -1.93 -12.53
N PHE C 84 7.07 -1.48 -11.89
CA PHE C 84 7.48 -2.08 -10.66
C PHE C 84 6.23 -2.10 -9.74
N ALA C 85 5.83 -3.29 -9.29
CA ALA C 85 4.64 -3.39 -8.47
C ALA C 85 4.44 -4.82 -8.11
N THR C 86 3.50 -5.06 -7.19
CA THR C 86 2.90 -6.37 -6.95
C THR C 86 1.64 -6.46 -7.80
N TYR C 87 1.55 -7.56 -8.53
CA TYR C 87 0.39 -7.83 -9.35
C TYR C 87 -0.39 -8.93 -8.73
N SER C 88 -1.65 -8.64 -8.41
CA SER C 88 -2.51 -9.64 -7.75
C SER C 88 -3.76 -9.95 -8.52
N CYS C 89 -4.10 -11.22 -8.56
CA CYS C 89 -5.32 -11.66 -9.20
C CYS C 89 -6.43 -11.77 -8.13
N GLN C 90 -7.69 -11.77 -8.58
CA GLN C 90 -8.85 -11.87 -7.71
C GLN C 90 -9.96 -12.58 -8.46
N GLN C 91 -10.48 -13.65 -7.89
CA GLN C 91 -11.64 -14.30 -8.51
C GLN C 91 -12.86 -13.48 -8.15
N SER C 92 -13.73 -13.31 -9.15
CA SER C 92 -14.94 -12.52 -9.06
C SER C 92 -16.18 -13.40 -9.28
N TYR C 93 -16.01 -14.70 -9.03
CA TYR C 93 -17.10 -15.66 -9.21
C TYR C 93 -18.07 -15.71 -7.99
N ASN C 94 -17.51 -15.79 -6.79
CA ASN C 94 -18.33 -15.88 -5.60
C ASN C 94 -17.65 -15.35 -4.34
N SER C 95 -18.41 -15.31 -3.27
CA SER C 95 -17.85 -15.01 -1.98
C SER C 95 -16.76 -16.03 -1.67
N PRO C 96 -15.62 -15.57 -1.11
CA PRO C 96 -15.30 -14.21 -0.66
C PRO C 96 -14.50 -13.29 -1.63
N TRP C 97 -14.71 -13.46 -2.95
CA TRP C 97 -14.09 -12.61 -3.99
C TRP C 97 -12.60 -12.52 -3.74
N THR C 98 -12.00 -13.71 -3.59
CA THR C 98 -10.70 -14.00 -3.04
C THR C 98 -9.59 -13.43 -3.91
N PHE C 99 -8.68 -12.68 -3.29
CA PHE C 99 -7.47 -12.18 -3.92
C PHE C 99 -6.30 -13.16 -3.76
N GLY C 100 -5.50 -13.32 -4.80
CA GLY C 100 -4.21 -13.99 -4.66
C GLY C 100 -3.21 -13.14 -3.87
N GLN C 101 -2.11 -13.76 -3.48
CA GLN C 101 -1.14 -13.11 -2.63
C GLN C 101 -0.22 -12.15 -3.38
N GLY C 102 -0.18 -12.21 -4.72
CA GLY C 102 0.61 -11.25 -5.47
C GLY C 102 1.87 -11.79 -6.04
N THR C 103 2.31 -11.13 -7.09
CA THR C 103 3.55 -11.45 -7.73
C THR C 103 4.26 -10.13 -7.75
N LYS C 104 5.40 -10.10 -7.07
CA LYS C 104 6.30 -8.98 -7.12
C LYS C 104 7.11 -8.88 -8.42
N VAL C 105 6.89 -7.82 -9.17
CA VAL C 105 7.67 -7.57 -10.37
C VAL C 105 8.76 -6.53 -10.06
N GLU C 106 10.04 -6.94 -10.08
CA GLU C 106 11.16 -5.99 -10.04
C GLU C 106 11.72 -5.68 -11.45
N ILE C 107 12.11 -4.41 -11.64
CA ILE C 107 12.74 -3.97 -12.89
C ILE C 107 14.25 -4.15 -12.81
N LYS C 108 14.74 -5.01 -13.69
CA LYS C 108 16.17 -5.31 -13.79
C LYS C 108 16.80 -4.24 -14.66
N ARG C 109 17.39 -3.25 -14.02
CA ARG C 109 18.05 -2.17 -14.75
C ARG C 109 19.55 -2.46 -14.70
N THR C 110 20.39 -1.54 -15.22
CA THR C 110 21.85 -1.79 -15.29
C THR C 110 22.50 -1.51 -13.93
N VAL C 111 23.66 -2.11 -13.65
CA VAL C 111 24.41 -1.78 -12.45
C VAL C 111 24.60 -0.26 -12.28
N ALA C 112 24.43 0.25 -11.05
CA ALA C 112 24.69 1.64 -10.77
C ALA C 112 25.29 1.86 -9.36
N ALA C 113 26.35 2.66 -9.28
CA ALA C 113 27.04 2.94 -8.03
C ALA C 113 26.22 3.81 -7.10
N PRO C 114 26.25 3.51 -5.80
CA PRO C 114 25.71 4.45 -4.83
C PRO C 114 26.58 5.70 -4.65
N SER C 115 25.94 6.83 -4.33
CA SER C 115 26.57 7.99 -3.71
C SER C 115 26.36 7.83 -2.21
N VAL C 116 27.43 8.08 -1.44
CA VAL C 116 27.48 7.77 -0.02
C VAL C 116 27.55 9.12 0.70
N PHE C 117 26.76 9.26 1.77
CA PHE C 117 26.71 10.47 2.55
C PHE C 117 26.63 10.05 4.00
N ILE C 118 27.24 10.83 4.89
CA ILE C 118 27.21 10.49 6.32
C ILE C 118 26.62 11.68 7.11
N PHE C 119 25.83 11.41 8.16
CA PHE C 119 25.26 12.51 8.95
C PHE C 119 25.56 12.23 10.39
N PRO C 120 26.24 13.16 11.07
CA PRO C 120 26.38 13.02 12.51
C PRO C 120 25.08 13.34 13.23
N PRO C 121 24.98 12.94 14.52
CA PRO C 121 23.83 13.27 15.35
C PRO C 121 23.70 14.77 15.57
N SER C 122 22.48 15.29 15.58
CA SER C 122 22.26 16.71 15.84
C SER C 122 22.58 17.06 17.31
N ASP C 123 22.68 18.35 17.60
CA ASP C 123 22.86 18.78 18.98
C ASP C 123 21.58 18.52 19.75
N GLU C 124 20.45 18.78 19.09
CA GLU C 124 19.14 18.49 19.67
CA GLU C 124 19.15 18.51 19.70
C GLU C 124 19.09 17.05 20.20
N GLN C 125 19.34 16.07 19.34
CA GLN C 125 19.31 14.67 19.78
C GLN C 125 20.30 14.34 20.91
N LEU C 126 21.50 14.93 20.86
CA LEU C 126 22.53 14.62 21.86
C LEU C 126 22.07 15.06 23.24
N LYS C 127 21.52 16.28 23.31
CA LYS C 127 20.83 16.79 24.51
C LYS C 127 20.00 15.74 25.26
N SER C 128 19.32 14.87 24.50
CA SER C 128 18.43 13.85 25.08
C SER C 128 19.05 12.50 25.44
N GLY C 129 20.38 12.38 25.31
CA GLY C 129 21.13 11.21 25.78
C GLY C 129 21.32 10.04 24.82
N THR C 130 21.01 10.26 23.54
CA THR C 130 21.24 9.25 22.50
C THR C 130 21.89 9.90 21.28
N ALA C 131 22.60 9.09 20.50
CA ALA C 131 23.30 9.54 19.31
C ALA C 131 22.98 8.59 18.16
N SER C 132 22.43 9.14 17.08
CA SER C 132 22.17 8.35 15.86
C SER C 132 23.02 8.95 14.75
N VAL C 133 23.82 8.09 14.15
CA VAL C 133 24.61 8.55 13.02
C VAL C 133 24.12 7.77 11.80
N VAL C 134 23.80 8.53 10.75
CA VAL C 134 23.14 7.97 9.60
C VAL C 134 24.08 7.99 8.40
N CYS C 135 24.18 6.84 7.75
CA CYS C 135 24.79 6.73 6.45
C CYS C 135 23.73 6.42 5.37
N LEU C 136 23.73 7.26 4.33
CA LEU C 136 22.89 7.12 3.15
C LEU C 136 23.68 6.51 2.00
N LEU C 137 23.14 5.47 1.37
CA LEU C 137 23.60 4.99 0.02
C LEU C 137 22.50 5.38 -0.96
N ASN C 138 22.75 6.34 -1.85
CA ASN C 138 21.68 6.90 -2.71
C ASN C 138 21.73 6.43 -4.15
N ASN C 139 20.56 6.00 -4.65
CA ASN C 139 20.36 5.62 -6.06
C ASN C 139 21.30 4.57 -6.66
N PHE C 140 21.23 3.35 -6.16
CA PHE C 140 22.09 2.28 -6.65
C PHE C 140 21.28 1.11 -7.22
N TYR C 141 21.99 0.25 -7.93
CA TYR C 141 21.44 -1.02 -8.36
C TYR C 141 22.60 -2.01 -8.61
N PRO C 142 22.44 -3.31 -8.26
CA PRO C 142 21.30 -3.96 -7.62
C PRO C 142 21.19 -3.63 -6.14
N ARG C 143 20.18 -4.23 -5.49
CA ARG C 143 19.79 -3.95 -4.09
C ARG C 143 20.92 -4.22 -3.11
N GLU C 144 21.67 -5.30 -3.35
CA GLU C 144 22.73 -5.79 -2.49
C GLU C 144 23.87 -4.78 -2.32
N ALA C 145 24.27 -4.59 -1.06
CA ALA C 145 25.19 -3.55 -0.63
C ALA C 145 25.66 -3.95 0.74
N LYS C 146 26.95 -3.70 0.99
CA LYS C 146 27.54 -4.04 2.28
C LYS C 146 27.95 -2.74 2.97
N VAL C 147 27.51 -2.57 4.22
CA VAL C 147 27.68 -1.29 4.87
C VAL C 147 28.25 -1.53 6.24
N GLN C 148 29.48 -1.07 6.45
CA GLN C 148 30.22 -1.33 7.68
C GLN C 148 30.49 -0.05 8.44
N TRP C 149 30.30 -0.11 9.75
CA TRP C 149 30.60 1.00 10.63
C TRP C 149 31.91 0.86 11.37
N LYS C 150 32.64 1.97 11.47
CA LYS C 150 33.88 2.00 12.22
C LYS C 150 33.87 3.17 13.15
N VAL C 151 34.35 2.92 14.37
CA VAL C 151 34.45 3.99 15.37
C VAL C 151 35.89 3.97 15.86
N ASP C 152 36.62 5.03 15.55
CA ASP C 152 38.09 5.01 15.79
C ASP C 152 38.69 3.70 15.25
N ASN C 153 38.23 3.31 14.05
CA ASN C 153 38.75 2.18 13.29
C ASN C 153 38.36 0.78 13.73
N ALA C 154 37.59 0.74 14.81
CA ALA C 154 37.09 -0.49 15.34
C ALA C 154 35.76 -0.74 14.63
N LEU C 155 35.60 -1.94 14.10
CA LEU C 155 34.40 -2.33 13.41
C LEU C 155 33.22 -2.47 14.38
N GLN C 156 32.10 -1.81 14.08
CA GLN C 156 30.91 -1.96 14.91
C GLN C 156 30.16 -3.19 14.51
N SER C 157 29.49 -3.79 15.48
CA SER C 157 28.70 -4.99 15.25
C SER C 157 27.46 -5.02 16.17
N GLY C 158 26.27 -5.22 15.60
CA GLY C 158 25.04 -5.35 16.40
C GLY C 158 24.40 -4.06 16.90
N ASN C 159 24.91 -2.90 16.46
CA ASN C 159 24.39 -1.59 16.94
C ASN C 159 23.87 -0.66 15.84
N SER C 160 23.57 -1.22 14.68
CA SER C 160 23.06 -0.42 13.58
C SER C 160 21.94 -1.18 12.98
N GLN C 161 21.09 -0.47 12.24
CA GLN C 161 19.96 -1.07 11.52
C GLN C 161 19.86 -0.44 10.16
N GLU C 162 19.41 -1.23 9.19
CA GLU C 162 19.28 -0.76 7.83
C GLU C 162 17.83 -0.62 7.34
N SER C 163 17.61 0.31 6.43
CA SER C 163 16.34 0.44 5.72
C SER C 163 16.61 0.76 4.24
N VAL C 164 15.80 0.17 3.37
CA VAL C 164 15.92 0.29 1.88
C VAL C 164 14.60 0.79 1.28
N THR C 165 14.65 1.81 0.44
CA THR C 165 13.46 2.23 -0.25
C THR C 165 13.02 1.12 -1.20
N GLN C 166 11.79 1.21 -1.71
CA GLN C 166 11.35 0.33 -2.77
C GLN C 166 11.96 0.89 -4.06
N GLU C 167 12.15 0.05 -5.08
CA GLU C 167 12.63 0.55 -6.35
C GLU C 167 11.94 1.85 -6.76
N ASP C 168 12.73 2.77 -7.29
CA ASP C 168 12.23 4.00 -7.88
C ASP C 168 11.49 3.70 -9.17
N SER C 169 10.38 4.40 -9.40
CA SER C 169 9.50 4.17 -10.53
C SER C 169 10.01 4.82 -11.84
N LYS C 170 10.98 5.72 -11.73
CA LYS C 170 11.66 6.33 -12.89
C LYS C 170 13.02 5.73 -13.28
N ASP C 171 13.92 5.54 -12.32
CA ASP C 171 15.31 5.14 -12.63
C ASP C 171 15.62 3.74 -12.12
N SER C 172 14.63 3.12 -11.45
CA SER C 172 14.73 1.74 -10.96
C SER C 172 15.80 1.46 -9.94
N THR C 173 16.26 2.50 -9.25
CA THR C 173 17.29 2.28 -8.26
C THR C 173 16.72 2.20 -6.87
N TYR C 174 17.60 1.85 -5.95
CA TYR C 174 17.29 1.73 -4.53
C TYR C 174 18.13 2.80 -3.84
N SER C 175 17.65 3.28 -2.70
CA SER C 175 18.49 3.98 -1.73
C SER C 175 18.41 3.24 -0.42
N LEU C 176 19.47 3.31 0.39
CA LEU C 176 19.49 2.59 1.66
C LEU C 176 19.96 3.57 2.78
N SER C 177 19.44 3.40 4.00
CA SER C 177 20.04 4.05 5.16
C SER C 177 20.56 2.99 6.11
N SER C 178 21.71 3.27 6.71
CA SER C 178 22.26 2.54 7.84
C SER C 178 22.35 3.55 9.00
N THR C 179 21.80 3.20 10.16
CA THR C 179 21.72 4.11 11.27
C THR C 179 22.43 3.39 12.42
N LEU C 180 23.51 4.00 12.86
CA LEU C 180 24.27 3.50 14.00
C LEU C 180 23.75 4.25 15.22
N THR C 181 23.38 3.50 16.26
CA THR C 181 22.86 4.07 17.51
C THR C 181 23.79 3.83 18.69
N LEU C 182 24.16 4.94 19.34
CA LEU C 182 25.04 4.95 20.48
C LEU C 182 24.39 5.77 21.58
N SER C 183 24.74 5.46 22.82
CA SER C 183 24.45 6.37 23.93
C SER C 183 25.29 7.61 23.72
N LYS C 184 24.82 8.74 24.27
CA LYS C 184 25.59 9.99 24.24
C LYS C 184 26.98 9.80 24.86
N ALA C 185 27.04 9.09 26.00
CA ALA C 185 28.29 8.71 26.67
C ALA C 185 29.28 8.02 25.74
N ASP C 186 28.88 6.90 25.13
CA ASP C 186 29.71 6.19 24.14
C ASP C 186 30.13 7.01 22.93
N TYR C 187 29.20 7.81 22.41
CA TYR C 187 29.49 8.69 21.28
C TYR C 187 30.56 9.74 21.58
N GLU C 188 30.52 10.27 22.81
N GLU C 188 30.54 10.25 22.81
CA GLU C 188 31.49 11.27 23.27
CA GLU C 188 31.49 11.26 23.28
C GLU C 188 32.88 10.68 23.51
C GLU C 188 32.87 10.69 23.59
N LYS C 189 32.97 9.36 23.69
CA LYS C 189 34.24 8.65 23.92
C LYS C 189 35.15 8.66 22.69
N HIS C 190 34.57 8.88 21.51
CA HIS C 190 35.25 8.57 20.25
C HIS C 190 35.26 9.73 19.28
N LYS C 191 36.10 9.65 18.26
CA LYS C 191 36.37 10.82 17.46
C LYS C 191 35.93 10.61 16.00
N VAL C 192 36.42 9.52 15.39
CA VAL C 192 36.22 9.20 13.97
C VAL C 192 35.06 8.22 13.78
N TYR C 193 34.08 8.70 13.01
CA TYR C 193 32.89 7.90 12.66
C TYR C 193 32.92 7.68 11.17
N ALA C 194 32.99 6.42 10.76
CA ALA C 194 33.12 6.12 9.35
C ALA C 194 32.15 5.05 8.88
N CYS C 195 31.52 5.31 7.73
CA CYS C 195 30.61 4.35 7.06
C CYS C 195 31.38 3.86 5.83
N GLU C 196 31.65 2.56 5.72
CA GLU C 196 32.28 1.96 4.54
C GLU C 196 31.28 1.11 3.77
N VAL C 197 31.13 1.43 2.47
CA VAL C 197 30.18 0.82 1.52
C VAL C 197 30.88 -0.03 0.47
N THR C 198 30.46 -1.29 0.34
CA THR C 198 30.97 -2.18 -0.69
C THR C 198 29.76 -2.48 -1.58
N HIS C 199 29.92 -2.24 -2.88
CA HIS C 199 28.87 -2.46 -3.82
C HIS C 199 29.49 -2.87 -5.15
N GLN C 200 28.74 -3.69 -5.87
CA GLN C 200 29.00 -4.14 -7.23
C GLN C 200 29.36 -3.04 -8.24
N GLY C 201 28.75 -1.86 -8.08
CA GLY C 201 28.99 -0.73 -8.96
C GLY C 201 30.16 0.15 -8.57
N LEU C 202 30.90 -0.26 -7.55
CA LEU C 202 32.04 0.53 -7.10
C LEU C 202 33.30 -0.28 -7.31
N SER C 203 34.29 0.33 -7.90
CA SER C 203 35.54 -0.38 -8.13
C SER C 203 36.26 -0.76 -6.83
N SER C 204 36.09 0.05 -5.80
CA SER C 204 36.67 -0.22 -4.50
C SER C 204 35.69 0.32 -3.42
N PRO C 205 35.72 -0.23 -2.20
CA PRO C 205 34.79 0.35 -1.19
C PRO C 205 34.96 1.82 -0.87
N VAL C 206 33.82 2.49 -0.69
CA VAL C 206 33.72 3.95 -0.43
C VAL C 206 33.48 4.23 1.06
N THR C 207 34.37 5.05 1.63
CA THR C 207 34.29 5.44 3.02
C THR C 207 33.86 6.89 3.14
N LYS C 208 32.82 7.13 3.91
CA LYS C 208 32.52 8.50 4.23
CA LYS C 208 32.44 8.49 4.23
C LYS C 208 32.59 8.64 5.73
N SER C 209 33.16 9.76 6.17
CA SER C 209 33.43 9.90 7.59
C SER C 209 33.47 11.33 8.07
N PHE C 210 33.36 11.47 9.40
CA PHE C 210 33.58 12.74 10.05
C PHE C 210 34.34 12.51 11.39
N ASN C 211 34.92 13.60 11.90
CA ASN C 211 35.40 13.68 13.28
C ASN C 211 34.38 14.40 14.15
N ARG C 212 34.06 13.79 15.29
CA ARG C 212 33.09 14.37 16.23
C ARG C 212 33.57 15.76 16.67
N GLY C 213 32.76 16.77 16.36
CA GLY C 213 33.10 18.17 16.58
C GLY C 213 33.27 19.00 15.31
N GLU C 214 34.04 18.47 14.36
CA GLU C 214 34.38 19.20 13.13
C GLU C 214 33.18 19.77 12.37
#